data_4D4Q
#
_entry.id   4D4Q
#
_cell.length_a   35.750
_cell.length_b   96.600
_cell.length_c   97.350
_cell.angle_alpha   90.00
_cell.angle_beta   95.62
_cell.angle_gamma   90.00
#
_symmetry.space_group_name_H-M   'P 1 21 1'
#
loop_
_entity.id
_entity.type
_entity.pdbx_description
1 polymer 'PROTEIN ATS1'
2 water water
#
_entity_poly.entity_id   1
_entity_poly.type   'polypeptide(L)'
_entity_poly.pdbx_seq_one_letter_code
;GA(MSE)SCVYAFGSNGQRQLGLGHDED(MSE)DTPQRSVPGDDGAIVRKIACGGNHSV(MSE)LTNDGNLVGCGDNRRG
ELDSAQALRQVHDWRPVEVPAPVVDVACGWDTTVIVDADGRVWQRGGGCYEFTQQHVPLNSNDERIAVYGCFQNFVVVQG
TRVYGWGSNTKCQLQEPKSRSLKEPVLVYDTGSVAVDYVA(MSE)GKDF(MSE)VIVDEGGRIVHASGRLPTGFELKQQQ
KRHNLVVLC(MSE)WTSIHLWNARLNTVESFGRGTHSQLFPQERLDFPIVGVATGSEHGILTTANQEGKSHCYNVYCWGW
GEHGNCGPQKGSQPGLQLVGQYSGKPRVFGGCATTWIVL
;
_entity_poly.pdbx_strand_id   A,B
#
# COMPACT_ATOMS: atom_id res chain seq x y z
N GLY A 1 -10.34 21.78 3.28
CA GLY A 1 -9.89 20.52 2.72
C GLY A 1 -9.46 19.54 3.79
N ALA A 2 -8.18 19.23 3.81
CA ALA A 2 -7.60 18.29 4.78
C ALA A 2 -8.30 16.93 4.74
N SER A 4 -8.67 12.67 4.76
CA SER A 4 -8.23 11.62 5.67
C SER A 4 -7.18 10.73 5.02
N CYS A 5 -6.20 10.30 5.82
CA CYS A 5 -5.15 9.42 5.34
C CYS A 5 -5.42 7.99 5.80
N VAL A 6 -5.96 7.18 4.90
CA VAL A 6 -6.39 5.83 5.24
C VAL A 6 -5.37 4.76 4.86
N TYR A 7 -5.03 3.90 5.82
CA TYR A 7 -4.16 2.76 5.57
C TYR A 7 -4.93 1.46 5.75
N ALA A 8 -4.69 0.50 4.87
CA ALA A 8 -5.40 -0.78 4.93
C ALA A 8 -4.50 -1.95 4.61
N PHE A 9 -4.67 -3.04 5.36
CA PHE A 9 -3.94 -4.28 5.11
C PHE A 9 -4.66 -5.48 5.72
N GLY A 10 -4.42 -6.66 5.17
CA GLY A 10 -5.07 -7.87 5.64
C GLY A 10 -5.74 -8.63 4.51
N SER A 11 -6.94 -9.11 4.76
CA SER A 11 -7.70 -9.86 3.76
C SER A 11 -8.04 -8.98 2.57
N ASN A 12 -7.80 -9.47 1.37
CA ASN A 12 -7.99 -8.68 0.16
C ASN A 12 -8.47 -9.54 -1.01
N GLY A 13 -9.03 -10.70 -0.70
CA GLY A 13 -9.48 -11.63 -1.71
C GLY A 13 -10.54 -11.08 -2.64
N GLN A 14 -11.34 -10.14 -2.15
CA GLN A 14 -12.40 -9.53 -2.96
C GLN A 14 -12.14 -8.04 -3.16
N ARG A 15 -10.88 -7.64 -3.03
CA ARG A 15 -10.47 -6.24 -3.19
C ARG A 15 -11.18 -5.31 -2.21
N GLN A 16 -11.36 -5.79 -0.98
CA GLN A 16 -12.07 -5.00 0.03
C GLN A 16 -11.16 -3.99 0.71
N LEU A 17 -9.90 -3.91 0.27
CA LEU A 17 -8.97 -2.93 0.81
C LEU A 17 -9.00 -1.63 0.02
N GLY A 18 -9.69 -1.67 -1.13
CA GLY A 18 -9.81 -0.50 -1.98
C GLY A 18 -8.50 -0.14 -2.66
N LEU A 19 -7.63 -1.13 -2.82
CA LEU A 19 -6.32 -0.90 -3.42
C LEU A 19 -6.34 -1.17 -4.93
N GLY A 20 -7.39 -1.84 -5.39
CA GLY A 20 -7.54 -2.16 -6.79
C GLY A 20 -7.13 -3.59 -7.10
N HIS A 21 -6.14 -4.09 -6.37
CA HIS A 21 -5.66 -5.45 -6.57
C HIS A 21 -6.27 -6.39 -5.52
N ASP A 22 -6.05 -7.69 -5.70
CA ASP A 22 -6.60 -8.68 -4.78
C ASP A 22 -5.51 -9.49 -4.08
N GLU A 23 -4.48 -8.79 -3.62
CA GLU A 23 -3.37 -9.43 -2.91
C GLU A 23 -3.42 -9.13 -1.42
N ASP A 24 -3.30 -10.16 -0.60
CA ASP A 24 -3.30 -10.00 0.86
C ASP A 24 -2.08 -9.21 1.33
N ASP A 26 0.37 -7.45 4.32
CA ASP A 26 0.84 -7.58 5.69
C ASP A 26 1.39 -6.26 6.23
N THR A 27 1.45 -5.26 5.35
CA THR A 27 1.90 -3.93 5.72
C THR A 27 0.86 -2.90 5.29
N PRO A 28 0.69 -1.84 6.10
CA PRO A 28 -0.29 -0.77 5.82
C PRO A 28 -0.15 -0.18 4.43
N GLN A 29 -1.21 -0.27 3.64
CA GLN A 29 -1.23 0.29 2.29
C GLN A 29 -2.18 1.48 2.22
N ARG A 30 -1.71 2.56 1.62
CA ARG A 30 -2.51 3.77 1.50
C ARG A 30 -3.72 3.54 0.61
N SER A 31 -4.91 3.67 1.19
CA SER A 31 -6.16 3.49 0.45
C SER A 31 -6.85 4.83 0.23
N VAL A 32 -7.00 5.22 -1.03
CA VAL A 32 -7.59 6.52 -1.36
C VAL A 32 -8.90 6.36 -2.12
N PRO A 33 -10.03 6.72 -1.47
CA PRO A 33 -11.35 6.63 -2.09
C PRO A 33 -11.52 7.60 -3.25
N GLY A 34 -11.45 7.08 -4.47
CA GLY A 34 -11.57 7.89 -5.67
C GLY A 34 -10.46 8.91 -5.79
N ASP A 35 -10.71 9.96 -6.56
CA ASP A 35 -9.73 11.03 -6.71
C ASP A 35 -9.78 11.98 -5.51
N ASP A 36 -8.63 12.58 -5.19
CA ASP A 36 -8.47 13.50 -4.06
C ASP A 36 -9.11 13.07 -2.73
N GLY A 37 -9.27 11.76 -2.56
CA GLY A 37 -9.72 11.18 -1.29
C GLY A 37 -11.03 11.72 -0.73
N ALA A 38 -11.24 11.49 0.56
CA ALA A 38 -12.44 11.95 1.25
C ALA A 38 -12.19 12.06 2.76
N ILE A 39 -13.10 12.74 3.46
CA ILE A 39 -13.02 12.87 4.91
C ILE A 39 -13.81 11.75 5.57
N VAL A 40 -13.11 10.86 6.25
CA VAL A 40 -13.73 9.66 6.82
C VAL A 40 -14.26 9.87 8.23
N ARG A 41 -15.51 9.47 8.46
CA ARG A 41 -16.10 9.53 9.79
C ARG A 41 -15.99 8.17 10.48
N LYS A 42 -16.30 7.11 9.74
CA LYS A 42 -16.20 5.75 10.27
C LYS A 42 -16.08 4.72 9.14
N ILE A 43 -15.35 3.64 9.40
CA ILE A 43 -15.23 2.57 8.43
C ILE A 43 -15.93 1.30 8.94
N ALA A 44 -16.95 0.88 8.22
CA ALA A 44 -17.67 -0.35 8.56
C ALA A 44 -17.20 -1.49 7.66
N CYS A 45 -16.84 -2.61 8.28
CA CYS A 45 -16.27 -3.74 7.55
C CYS A 45 -17.16 -4.97 7.60
N GLY A 46 -17.45 -5.53 6.42
CA GLY A 46 -18.26 -6.73 6.33
C GLY A 46 -17.41 -7.98 6.26
N GLY A 47 -17.99 -9.07 5.77
CA GLY A 47 -17.27 -10.33 5.63
C GLY A 47 -16.16 -10.24 4.60
N ASN A 48 -16.50 -9.77 3.40
CA ASN A 48 -15.53 -9.61 2.33
C ASN A 48 -15.68 -8.28 1.61
N HIS A 49 -16.38 -7.33 2.25
CA HIS A 49 -16.57 -6.01 1.68
C HIS A 49 -16.32 -4.93 2.72
N SER A 50 -16.03 -3.72 2.26
CA SER A 50 -15.75 -2.61 3.16
C SER A 50 -16.61 -1.39 2.82
N VAL A 51 -17.07 -0.69 3.86
CA VAL A 51 -17.90 0.49 3.69
C VAL A 51 -17.29 1.66 4.45
N LEU A 53 -17.85 5.69 5.58
CA LEU A 53 -18.78 6.81 5.73
C LEU A 53 -18.04 8.15 5.82
N THR A 54 -18.50 9.12 5.04
CA THR A 54 -17.90 10.45 5.04
C THR A 54 -18.67 11.41 5.95
N ASN A 55 -18.09 12.58 6.18
CA ASN A 55 -18.69 13.58 7.07
C ASN A 55 -19.93 14.25 6.45
N ASP A 56 -20.02 14.23 5.13
CA ASP A 56 -21.15 14.84 4.44
C ASP A 56 -22.33 13.88 4.29
N GLY A 57 -22.16 12.65 4.78
CA GLY A 57 -23.24 11.69 4.79
C GLY A 57 -23.21 10.69 3.65
N ASN A 58 -22.24 10.83 2.76
CA ASN A 58 -22.13 9.94 1.62
C ASN A 58 -21.44 8.62 1.96
N LEU A 59 -21.70 7.59 1.16
CA LEU A 59 -21.09 6.29 1.36
C LEU A 59 -20.24 5.86 0.17
N VAL A 60 -19.10 5.25 0.45
CA VAL A 60 -18.28 4.62 -0.58
C VAL A 60 -17.94 3.20 -0.13
N GLY A 61 -17.88 2.27 -1.08
CA GLY A 61 -17.65 0.88 -0.76
C GLY A 61 -16.85 0.13 -1.80
N CYS A 62 -16.33 -1.03 -1.40
CA CYS A 62 -15.59 -1.91 -2.29
C CYS A 62 -15.56 -3.31 -1.69
N GLY A 63 -15.54 -4.32 -2.56
CA GLY A 63 -15.49 -5.69 -2.10
C GLY A 63 -16.50 -6.59 -2.77
N ASP A 64 -16.90 -7.64 -2.05
CA ASP A 64 -17.83 -8.65 -2.58
C ASP A 64 -19.22 -8.06 -2.80
N ASN A 65 -19.82 -8.41 -3.92
CA ASN A 65 -21.16 -7.93 -4.26
C ASN A 65 -22.06 -9.07 -4.74
N ARG A 66 -21.67 -10.30 -4.39
CA ARG A 66 -22.42 -11.49 -4.79
C ARG A 66 -23.67 -11.67 -3.94
N ARG A 67 -23.81 -10.87 -2.90
CA ARG A 67 -24.97 -10.92 -2.02
C ARG A 67 -25.67 -9.56 -1.94
N GLY A 68 -25.22 -8.62 -2.77
CA GLY A 68 -25.81 -7.30 -2.82
C GLY A 68 -25.36 -6.41 -1.68
N GLU A 69 -24.08 -6.51 -1.33
CA GLU A 69 -23.52 -5.72 -0.23
C GLU A 69 -23.42 -4.24 -0.58
N LEU A 70 -23.05 -3.94 -1.82
CA LEU A 70 -22.80 -2.56 -2.23
C LEU A 70 -23.77 -2.05 -3.30
N ASP A 71 -23.62 -2.54 -4.52
CA ASP A 71 -24.37 -2.02 -5.66
C ASP A 71 -25.64 -2.83 -5.95
N SER A 72 -26.63 -2.16 -6.53
CA SER A 72 -27.89 -2.82 -6.90
C SER A 72 -27.80 -3.48 -8.26
N ALA A 73 -27.06 -4.58 -8.34
CA ALA A 73 -26.90 -5.31 -9.59
C ALA A 73 -26.52 -6.76 -9.34
N GLN A 74 -27.36 -7.69 -9.81
CA GLN A 74 -27.09 -9.12 -9.67
C GLN A 74 -25.88 -9.52 -10.53
N ALA A 75 -25.66 -8.80 -11.62
CA ALA A 75 -24.56 -9.11 -12.53
C ALA A 75 -23.22 -8.69 -11.95
N LEU A 76 -23.22 -7.62 -11.16
CA LEU A 76 -22.00 -7.12 -10.54
C LEU A 76 -21.64 -7.95 -9.31
N ARG A 77 -20.72 -8.89 -9.49
CA ARG A 77 -20.35 -9.82 -8.45
C ARG A 77 -19.30 -9.24 -7.49
N GLN A 78 -18.67 -8.15 -7.90
CA GLN A 78 -17.59 -7.56 -7.11
C GLN A 78 -17.33 -6.11 -7.50
N VAL A 79 -17.26 -5.23 -6.50
CA VAL A 79 -16.93 -3.83 -6.72
C VAL A 79 -15.42 -3.65 -6.72
N HIS A 80 -14.87 -3.28 -7.87
CA HIS A 80 -13.42 -3.24 -8.07
C HIS A 80 -12.73 -2.22 -7.18
N ASP A 81 -13.10 -0.94 -7.33
CA ASP A 81 -12.50 0.12 -6.53
C ASP A 81 -13.54 0.86 -5.70
N TRP A 82 -13.11 1.89 -4.98
CA TRP A 82 -14.02 2.68 -4.16
C TRP A 82 -15.10 3.35 -4.98
N ARG A 83 -16.30 2.81 -4.92
CA ARG A 83 -17.45 3.35 -5.65
C ARG A 83 -18.52 3.83 -4.68
N PRO A 84 -19.19 4.94 -5.02
CA PRO A 84 -20.24 5.52 -4.18
C PRO A 84 -21.42 4.57 -4.00
N VAL A 85 -21.82 4.35 -2.76
CA VAL A 85 -23.00 3.55 -2.47
C VAL A 85 -24.23 4.44 -2.39
N GLU A 86 -25.22 4.15 -3.22
CA GLU A 86 -26.44 4.95 -3.28
C GLU A 86 -27.19 4.93 -1.94
N VAL A 87 -27.54 6.12 -1.46
CA VAL A 87 -28.28 6.25 -0.21
C VAL A 87 -29.54 7.09 -0.40
N PRO A 88 -30.63 6.73 0.29
CA PRO A 88 -31.88 7.47 0.19
C PRO A 88 -31.83 8.81 0.92
N ALA A 89 -30.87 8.95 1.83
CA ALA A 89 -30.73 10.16 2.64
C ALA A 89 -29.33 10.22 3.25
N PRO A 90 -28.86 11.43 3.63
CA PRO A 90 -27.56 11.59 4.28
C PRO A 90 -27.36 10.66 5.47
N VAL A 91 -26.32 9.84 5.42
CA VAL A 91 -26.06 8.85 6.45
C VAL A 91 -25.29 9.42 7.63
N VAL A 92 -25.76 9.15 8.84
CA VAL A 92 -25.08 9.61 10.05
C VAL A 92 -24.37 8.47 10.77
N ASP A 93 -24.71 7.23 10.41
CA ASP A 93 -24.11 6.07 11.04
C ASP A 93 -24.24 4.83 10.14
N VAL A 94 -23.22 3.97 10.18
CA VAL A 94 -23.20 2.79 9.31
C VAL A 94 -22.63 1.57 10.02
N ALA A 95 -23.10 0.39 9.63
CA ALA A 95 -22.61 -0.87 10.18
C ALA A 95 -22.72 -1.97 9.12
N CYS A 96 -22.01 -3.08 9.34
CA CYS A 96 -22.00 -4.17 8.37
C CYS A 96 -22.09 -5.55 9.01
N GLY A 97 -22.70 -6.48 8.30
CA GLY A 97 -22.74 -7.86 8.72
C GLY A 97 -21.84 -8.70 7.84
N TRP A 98 -22.09 -10.00 7.77
CA TRP A 98 -21.27 -10.89 6.94
C TRP A 98 -21.45 -10.58 5.46
N ASP A 99 -22.68 -10.34 5.05
CA ASP A 99 -22.98 -10.01 3.66
C ASP A 99 -24.06 -8.93 3.56
N THR A 100 -24.20 -8.15 4.62
CA THR A 100 -25.23 -7.11 4.69
C THR A 100 -24.65 -5.77 5.13
N THR A 101 -25.38 -4.70 4.87
CA THR A 101 -24.96 -3.36 5.24
C THR A 101 -26.14 -2.51 5.67
N VAL A 102 -26.08 -1.98 6.89
CA VAL A 102 -27.16 -1.16 7.42
C VAL A 102 -26.70 0.29 7.66
N ILE A 103 -27.62 1.23 7.51
CA ILE A 103 -27.32 2.64 7.69
C ILE A 103 -28.39 3.35 8.53
N VAL A 104 -28.02 4.51 9.07
CA VAL A 104 -28.96 5.38 9.75
C VAL A 104 -28.87 6.77 9.15
N ASP A 105 -29.98 7.28 8.64
CA ASP A 105 -29.98 8.57 7.96
C ASP A 105 -30.22 9.74 8.92
N ALA A 106 -30.17 10.95 8.37
CA ALA A 106 -30.35 12.16 9.16
C ALA A 106 -31.79 12.28 9.66
N ASP A 107 -32.72 11.67 8.94
CA ASP A 107 -34.12 11.67 9.33
C ASP A 107 -34.36 10.72 10.49
N GLY A 108 -33.48 9.75 10.65
CA GLY A 108 -33.57 8.80 11.74
C GLY A 108 -33.95 7.40 11.30
N ARG A 109 -34.33 7.27 10.03
CA ARG A 109 -34.75 5.97 9.49
C ARG A 109 -33.59 4.99 9.37
N VAL A 110 -33.90 3.71 9.42
CA VAL A 110 -32.91 2.65 9.31
C VAL A 110 -33.12 1.84 8.04
N TRP A 111 -32.07 1.75 7.22
CA TRP A 111 -32.15 1.05 5.95
C TRP A 111 -31.16 -0.11 5.90
N GLN A 112 -31.54 -1.20 5.24
CA GLN A 112 -30.67 -2.36 5.14
C GLN A 112 -30.63 -2.95 3.74
N ARG A 113 -29.41 -3.21 3.26
CA ARG A 113 -29.23 -3.89 1.99
C ARG A 113 -28.31 -5.10 2.17
N GLY A 114 -28.40 -6.05 1.25
CA GLY A 114 -27.57 -7.24 1.31
C GLY A 114 -28.36 -8.46 1.72
N GLY A 115 -27.72 -9.62 1.71
CA GLY A 115 -28.36 -10.87 2.07
C GLY A 115 -29.45 -11.25 1.08
N GLY A 116 -29.29 -10.82 -0.17
CA GLY A 116 -30.26 -11.09 -1.20
C GLY A 116 -30.98 -9.84 -1.67
N CYS A 117 -31.00 -8.82 -0.81
CA CYS A 117 -31.64 -7.56 -1.13
C CYS A 117 -30.64 -6.57 -1.74
N TYR A 118 -30.95 -6.09 -2.94
CA TYR A 118 -30.07 -5.18 -3.65
C TYR A 118 -30.52 -3.73 -3.49
N GLU A 119 -31.65 -3.53 -2.83
CA GLU A 119 -32.16 -2.19 -2.59
C GLU A 119 -32.28 -1.92 -1.09
N PHE A 120 -31.93 -0.71 -0.67
CA PHE A 120 -32.04 -0.32 0.73
C PHE A 120 -33.49 -0.35 1.20
N THR A 121 -33.88 -1.45 1.83
CA THR A 121 -35.21 -1.59 2.37
C THR A 121 -35.27 -1.07 3.81
N GLN A 122 -36.26 -0.24 4.10
CA GLN A 122 -36.36 0.40 5.40
C GLN A 122 -36.65 -0.59 6.53
N GLN A 123 -35.88 -0.50 7.60
CA GLN A 123 -36.07 -1.35 8.77
C GLN A 123 -36.85 -0.58 9.83
N HIS A 124 -38.00 -1.11 10.22
CA HIS A 124 -38.88 -0.43 11.17
C HIS A 124 -38.59 -0.79 12.61
N VAL A 125 -37.88 0.10 13.31
CA VAL A 125 -37.62 -0.08 14.74
C VAL A 125 -38.60 0.77 15.56
N PRO A 126 -39.10 0.20 16.67
CA PRO A 126 -40.04 0.92 17.54
C PRO A 126 -39.36 2.05 18.33
N LEU A 127 -39.82 3.28 18.13
CA LEU A 127 -39.26 4.44 18.82
C LEU A 127 -40.21 5.63 18.80
N ASN A 128 -39.97 6.61 19.67
CA ASN A 128 -40.81 7.80 19.73
C ASN A 128 -40.08 9.06 20.19
N SER A 129 -38.74 9.00 20.20
CA SER A 129 -37.94 10.16 20.56
C SER A 129 -37.51 10.91 19.30
N ASN A 130 -37.20 10.15 18.25
CA ASN A 130 -36.91 10.69 16.92
C ASN A 130 -35.67 11.58 16.80
N ASP A 131 -35.37 12.37 17.83
CA ASP A 131 -34.28 13.33 17.73
C ASP A 131 -33.29 13.29 18.90
N GLU A 132 -32.97 12.09 19.37
CA GLU A 132 -31.91 11.94 20.36
C GLU A 132 -30.59 11.57 19.67
N ARG A 133 -30.28 10.28 19.66
CA ARG A 133 -29.08 9.80 18.98
C ARG A 133 -29.27 8.34 18.58
N ILE A 134 -29.51 8.12 17.28
CA ILE A 134 -29.72 6.78 16.77
C ILE A 134 -28.43 6.18 16.22
N ALA A 135 -27.80 5.32 17.02
CA ALA A 135 -26.57 4.66 16.61
C ALA A 135 -26.84 3.20 16.26
N VAL A 136 -26.09 2.67 15.32
CA VAL A 136 -26.28 1.29 14.88
C VAL A 136 -24.98 0.48 14.97
N TYR A 137 -25.11 -0.76 15.43
CA TYR A 137 -23.96 -1.66 15.51
C TYR A 137 -24.33 -3.00 14.87
N GLY A 138 -23.31 -3.76 14.46
CA GLY A 138 -23.55 -5.05 13.82
C GLY A 138 -22.36 -5.97 13.81
N CYS A 139 -22.63 -7.27 13.78
CA CYS A 139 -21.58 -8.28 13.74
C CYS A 139 -22.11 -9.62 13.22
N PHE A 140 -21.45 -10.14 12.19
CA PHE A 140 -21.80 -11.44 11.59
C PHE A 140 -23.23 -11.49 11.08
N GLN A 141 -24.14 -12.00 11.90
CA GLN A 141 -25.55 -12.14 11.50
C GLN A 141 -26.48 -11.44 12.48
N ASN A 142 -25.99 -10.40 13.15
CA ASN A 142 -26.79 -9.66 14.12
C ASN A 142 -26.56 -8.15 14.04
N PHE A 143 -27.66 -7.39 14.08
CA PHE A 143 -27.57 -5.94 14.09
C PHE A 143 -28.28 -5.36 15.31
N VAL A 144 -27.82 -4.21 15.77
CA VAL A 144 -28.40 -3.56 16.94
C VAL A 144 -28.52 -2.04 16.76
N VAL A 145 -29.72 -1.51 16.97
CA VAL A 145 -29.96 -0.08 16.91
C VAL A 145 -30.19 0.49 18.30
N VAL A 146 -29.43 1.52 18.67
CA VAL A 146 -29.50 2.10 20.00
C VAL A 146 -29.91 3.57 19.98
N GLN A 147 -30.95 3.89 20.74
CA GLN A 147 -31.39 5.28 20.87
C GLN A 147 -31.63 5.65 22.33
N GLY A 148 -30.74 6.48 22.87
CA GLY A 148 -30.86 6.93 24.25
C GLY A 148 -30.72 5.80 25.26
N THR A 149 -31.85 5.28 25.71
CA THR A 149 -31.87 4.21 26.71
C THR A 149 -32.32 2.89 26.11
N ARG A 150 -33.03 2.97 24.98
CA ARG A 150 -33.58 1.79 24.34
C ARG A 150 -32.55 1.09 23.45
N VAL A 151 -32.58 -0.24 23.46
CA VAL A 151 -31.68 -1.04 22.63
C VAL A 151 -32.46 -2.10 21.87
N TYR A 152 -32.50 -1.97 20.54
CA TYR A 152 -33.23 -2.92 19.71
C TYR A 152 -32.28 -3.69 18.80
N GLY A 153 -32.72 -4.86 18.34
CA GLY A 153 -31.90 -5.70 17.48
C GLY A 153 -32.66 -6.78 16.76
N TRP A 154 -32.08 -7.28 15.67
CA TRP A 154 -32.69 -8.36 14.91
C TRP A 154 -31.61 -9.26 14.32
N GLY A 155 -32.03 -10.37 13.71
CA GLY A 155 -31.09 -11.30 13.10
C GLY A 155 -31.13 -12.69 13.70
N SER A 156 -29.96 -13.29 13.89
CA SER A 156 -29.86 -14.64 14.41
C SER A 156 -30.07 -14.72 15.92
N ASN A 157 -30.93 -15.64 16.34
CA ASN A 157 -31.17 -15.86 17.77
C ASN A 157 -31.00 -17.33 18.11
N THR A 158 -29.95 -17.93 17.55
CA THR A 158 -29.68 -19.35 17.76
C THR A 158 -29.11 -19.61 19.14
N LYS A 159 -28.16 -18.77 19.55
CA LYS A 159 -27.51 -18.92 20.86
C LYS A 159 -28.24 -18.12 21.94
N CYS A 160 -29.49 -17.76 21.67
CA CYS A 160 -30.31 -16.99 22.60
C CYS A 160 -29.67 -15.67 23.01
N GLN A 161 -29.28 -14.87 22.03
CA GLN A 161 -28.60 -13.61 22.30
C GLN A 161 -29.51 -12.40 22.07
N LEU A 162 -30.57 -12.60 21.30
CA LEU A 162 -31.51 -11.51 21.01
C LEU A 162 -32.66 -11.46 22.00
N GLN A 163 -33.18 -12.61 22.39
CA GLN A 163 -34.32 -12.67 23.29
C GLN A 163 -34.22 -13.83 24.27
N GLU A 164 -34.93 -13.71 25.39
CA GLU A 164 -34.93 -14.72 26.43
C GLU A 164 -35.31 -16.12 25.93
N PRO A 165 -36.39 -16.22 25.13
CA PRO A 165 -36.63 -17.56 24.57
C PRO A 165 -35.72 -17.85 23.38
N LYS A 166 -35.34 -19.10 23.21
CA LYS A 166 -34.53 -19.52 22.09
C LYS A 166 -35.33 -19.40 20.79
N SER A 167 -34.63 -19.26 19.68
CA SER A 167 -35.28 -19.10 18.39
C SER A 167 -34.35 -19.56 17.26
N ARG A 168 -34.54 -18.96 16.09
CA ARG A 168 -33.72 -19.26 14.91
C ARG A 168 -33.39 -17.99 14.13
N SER A 169 -34.42 -17.21 13.82
CA SER A 169 -34.24 -15.96 13.08
C SER A 169 -35.38 -14.96 13.33
N LEU A 170 -35.00 -13.72 13.60
CA LEU A 170 -35.98 -12.64 13.75
C LEU A 170 -35.73 -11.54 12.73
N LYS A 171 -36.71 -11.28 11.88
CA LYS A 171 -36.59 -10.23 10.86
C LYS A 171 -36.97 -8.88 11.44
N GLU A 172 -38.10 -8.83 12.14
CA GLU A 172 -38.53 -7.60 12.80
C GLU A 172 -37.79 -7.41 14.12
N PRO A 173 -37.18 -6.23 14.31
CA PRO A 173 -36.41 -5.89 15.50
C PRO A 173 -37.27 -5.82 16.75
N VAL A 174 -36.72 -6.28 17.88
CA VAL A 174 -37.42 -6.26 19.15
C VAL A 174 -36.56 -5.64 20.25
N LEU A 175 -37.19 -5.27 21.35
CA LEU A 175 -36.47 -4.70 22.49
C LEU A 175 -35.71 -5.78 23.24
N VAL A 176 -34.39 -5.65 23.30
CA VAL A 176 -33.56 -6.65 23.96
C VAL A 176 -33.23 -6.26 25.40
N TYR A 177 -33.23 -4.96 25.67
CA TYR A 177 -32.96 -4.45 27.01
C TYR A 177 -33.37 -2.97 27.13
N ASP A 178 -33.81 -2.58 28.32
CA ASP A 178 -34.28 -1.22 28.54
C ASP A 178 -33.82 -0.63 29.88
N THR A 179 -33.14 0.50 29.81
CA THR A 179 -32.76 1.26 31.00
C THR A 179 -33.76 2.42 31.11
N GLY A 180 -33.94 3.00 32.30
CA GLY A 180 -33.17 2.70 33.50
C GLY A 180 -32.51 3.98 33.97
N SER A 181 -32.99 5.10 33.42
CA SER A 181 -32.49 6.44 33.74
C SER A 181 -31.00 6.62 33.43
N VAL A 182 -30.49 5.82 32.49
CA VAL A 182 -29.11 5.93 32.07
C VAL A 182 -28.94 5.58 30.60
N ALA A 183 -28.34 6.49 29.84
CA ALA A 183 -28.17 6.32 28.40
C ALA A 183 -27.12 5.26 28.07
N VAL A 184 -27.39 4.50 27.02
CA VAL A 184 -26.45 3.47 26.55
C VAL A 184 -25.39 4.10 25.66
N ASP A 185 -24.13 3.98 26.09
CA ASP A 185 -23.00 4.52 25.33
C ASP A 185 -22.85 3.80 24.00
N TYR A 186 -22.51 2.51 24.08
CA TYR A 186 -22.33 1.70 22.88
C TYR A 186 -22.70 0.26 23.17
N VAL A 187 -22.66 -0.57 22.13
CA VAL A 187 -22.94 -2.00 22.28
C VAL A 187 -21.86 -2.84 21.61
N ALA A 188 -21.06 -3.51 22.42
CA ALA A 188 -20.01 -4.40 21.91
C ALA A 188 -20.61 -5.75 21.56
N GLY A 190 -20.52 -9.64 19.63
CA GLY A 190 -19.74 -10.77 19.19
C GLY A 190 -20.44 -11.51 18.06
N LYS A 191 -19.89 -12.65 17.66
CA LYS A 191 -20.47 -13.45 16.60
C LYS A 191 -21.85 -13.96 16.99
N ASP A 192 -21.99 -14.36 18.25
CA ASP A 192 -23.26 -14.86 18.76
C ASP A 192 -23.56 -14.35 20.17
N PHE A 193 -22.78 -13.37 20.63
CA PHE A 193 -23.03 -12.74 21.92
C PHE A 193 -23.08 -11.21 21.80
N VAL A 195 -22.79 -7.32 24.35
CA VAL A 195 -22.55 -6.64 25.62
C VAL A 195 -22.99 -5.18 25.54
N ILE A 196 -23.91 -4.79 26.41
CA ILE A 196 -24.41 -3.42 26.44
C ILE A 196 -23.69 -2.58 27.50
N VAL A 197 -23.10 -1.48 27.07
CA VAL A 197 -22.34 -0.61 27.98
C VAL A 197 -22.95 0.79 28.03
N ASP A 198 -23.14 1.30 29.24
CA ASP A 198 -23.67 2.65 29.42
C ASP A 198 -22.57 3.69 29.44
N GLU A 199 -22.94 4.97 29.52
CA GLU A 199 -21.99 6.06 29.45
C GLU A 199 -21.08 6.14 30.68
N GLY A 200 -21.49 5.46 31.76
CA GLY A 200 -20.70 5.43 32.98
C GLY A 200 -19.51 4.51 32.88
N GLY A 201 -19.50 3.67 31.85
CA GLY A 201 -18.42 2.73 31.65
C GLY A 201 -18.66 1.41 32.35
N ARG A 202 -19.93 1.15 32.67
CA ARG A 202 -20.32 -0.08 33.36
C ARG A 202 -21.01 -1.05 32.41
N ILE A 203 -20.97 -2.33 32.75
CA ILE A 203 -21.66 -3.36 31.98
C ILE A 203 -23.09 -3.51 32.51
N VAL A 204 -24.06 -3.26 31.65
CA VAL A 204 -25.46 -3.26 32.07
C VAL A 204 -26.17 -4.55 31.68
N HIS A 205 -25.87 -5.07 30.50
CA HIS A 205 -26.53 -6.27 30.01
C HIS A 205 -25.64 -7.08 29.06
N ALA A 206 -25.80 -8.39 29.08
CA ALA A 206 -25.09 -9.27 28.15
C ALA A 206 -26.05 -10.24 27.48
N SER A 207 -25.53 -11.03 26.54
CA SER A 207 -26.37 -11.95 25.78
C SER A 207 -25.86 -13.38 25.81
N GLY A 208 -26.55 -14.26 25.08
CA GLY A 208 -26.24 -15.68 25.08
C GLY A 208 -24.87 -16.02 24.50
N ARG A 209 -24.37 -17.20 24.84
CA ARG A 209 -23.08 -17.68 24.38
C ARG A 209 -21.96 -16.72 24.78
N LEU A 210 -21.81 -16.53 26.08
CA LEU A 210 -20.69 -15.76 26.60
C LEU A 210 -19.46 -16.67 26.67
N PRO A 211 -18.29 -16.13 26.26
CA PRO A 211 -17.04 -16.90 26.26
C PRO A 211 -16.64 -17.31 27.68
N THR A 212 -15.87 -18.38 27.79
CA THR A 212 -15.46 -18.90 29.08
C THR A 212 -14.61 -17.91 29.87
N GLY A 213 -14.83 -17.86 31.18
CA GLY A 213 -14.10 -16.96 32.04
C GLY A 213 -14.86 -15.68 32.33
N PHE A 214 -15.59 -15.19 31.32
CA PHE A 214 -16.35 -13.96 31.45
C PHE A 214 -17.65 -14.20 32.22
N GLU A 215 -17.65 -13.84 33.49
CA GLU A 215 -18.85 -13.96 34.32
C GLU A 215 -19.52 -12.60 34.50
N LEU A 216 -20.79 -12.53 34.13
CA LEU A 216 -21.55 -11.27 34.16
C LEU A 216 -21.64 -10.69 35.56
N LYS A 217 -21.79 -11.54 36.56
CA LYS A 217 -22.02 -11.11 37.94
C LYS A 217 -20.88 -10.28 38.52
N GLN A 218 -19.65 -10.74 38.37
CA GLN A 218 -18.51 -10.09 39.00
C GLN A 218 -17.95 -8.94 38.15
N GLN A 219 -18.49 -8.79 36.94
CA GLN A 219 -18.02 -7.75 36.03
C GLN A 219 -18.92 -6.52 36.03
N GLN A 220 -20.11 -6.65 36.61
CA GLN A 220 -21.05 -5.53 36.65
C GLN A 220 -20.76 -4.58 37.81
N LYS A 221 -19.81 -4.94 38.66
CA LYS A 221 -19.40 -4.08 39.76
C LYS A 221 -18.30 -3.13 39.34
N ARG A 222 -17.73 -3.40 38.16
CA ARG A 222 -16.59 -2.63 37.66
C ARG A 222 -16.98 -1.22 37.25
N HIS A 223 -16.03 -0.29 37.33
CA HIS A 223 -16.24 1.09 36.94
C HIS A 223 -15.28 1.51 35.83
N ASN A 224 -15.79 2.32 34.90
CA ASN A 224 -14.97 2.87 33.81
C ASN A 224 -14.25 1.82 32.98
N LEU A 225 -15.01 0.99 32.27
CA LEU A 225 -14.41 -0.03 31.41
C LEU A 225 -14.78 0.19 29.95
N VAL A 226 -13.87 -0.16 29.06
CA VAL A 226 -14.12 -0.12 27.62
C VAL A 226 -14.20 -1.55 27.09
N VAL A 227 -15.39 -1.95 26.66
CA VAL A 227 -15.62 -3.32 26.21
C VAL A 227 -15.48 -3.46 24.70
N LEU A 228 -14.60 -4.37 24.28
CA LEU A 228 -14.43 -4.68 22.87
C LEU A 228 -14.53 -6.19 22.66
N CYS A 229 -15.30 -6.59 21.66
CA CYS A 229 -15.56 -8.01 21.42
C CYS A 229 -15.17 -8.46 20.02
N TRP A 231 -15.18 -12.33 17.70
CA TRP A 231 -16.22 -13.31 17.41
C TRP A 231 -16.39 -14.33 18.53
N THR A 232 -15.29 -14.67 19.19
CA THR A 232 -15.32 -15.67 20.25
C THR A 232 -14.59 -15.21 21.51
N SER A 233 -14.50 -13.91 21.71
CA SER A 233 -13.78 -13.36 22.86
C SER A 233 -14.25 -11.97 23.26
N ILE A 234 -14.16 -11.68 24.56
CA ILE A 234 -14.48 -10.35 25.08
C ILE A 234 -13.21 -9.72 25.67
N HIS A 235 -12.99 -8.46 25.37
CA HIS A 235 -11.78 -7.78 25.81
C HIS A 235 -12.09 -6.48 26.55
N LEU A 236 -11.44 -6.30 27.69
CA LEU A 236 -11.69 -5.14 28.54
C LEU A 236 -10.45 -4.24 28.63
N TRP A 237 -10.59 -3.00 28.16
CA TRP A 237 -9.52 -2.03 28.25
C TRP A 237 -9.45 -1.47 29.68
N ASN A 238 -8.39 -1.85 30.40
CA ASN A 238 -8.18 -1.39 31.76
C ASN A 238 -7.17 -0.26 31.79
N ALA A 239 -7.66 0.97 31.82
CA ALA A 239 -6.79 2.14 31.79
C ALA A 239 -5.93 2.29 33.04
N ARG A 240 -6.49 1.90 34.18
CA ARG A 240 -5.78 2.03 35.45
C ARG A 240 -4.61 1.05 35.54
N LEU A 241 -4.82 -0.16 35.01
CA LEU A 241 -3.79 -1.20 35.04
C LEU A 241 -2.96 -1.18 33.76
N ASN A 242 -3.43 -0.40 32.79
CA ASN A 242 -2.77 -0.27 31.48
C ASN A 242 -2.59 -1.61 30.78
N THR A 243 -3.70 -2.33 30.60
CA THR A 243 -3.68 -3.63 29.93
C THR A 243 -5.06 -3.97 29.37
N VAL A 244 -5.15 -5.13 28.73
CA VAL A 244 -6.42 -5.58 28.15
C VAL A 244 -6.79 -6.96 28.67
N GLU A 245 -7.83 -7.01 29.51
CA GLU A 245 -8.31 -8.27 30.06
C GLU A 245 -9.09 -9.04 29.01
N SER A 246 -8.61 -10.23 28.67
CA SER A 246 -9.24 -11.04 27.63
C SER A 246 -9.88 -12.31 28.16
N PHE A 247 -11.07 -12.62 27.65
CA PHE A 247 -11.79 -13.83 28.04
C PHE A 247 -12.29 -14.56 26.80
N GLY A 248 -12.10 -15.87 26.75
CA GLY A 248 -12.64 -16.66 25.65
C GLY A 248 -11.75 -17.76 25.13
N ARG A 249 -12.35 -18.64 24.34
CA ARG A 249 -11.62 -19.72 23.68
C ARG A 249 -10.75 -19.15 22.57
N GLY A 250 -9.54 -18.73 22.95
CA GLY A 250 -8.61 -18.13 22.01
C GLY A 250 -7.52 -19.08 21.57
N THR A 251 -7.76 -19.79 20.47
CA THR A 251 -6.80 -20.76 19.96
C THR A 251 -5.73 -20.07 19.12
N HIS A 252 -6.09 -18.99 18.44
CA HIS A 252 -5.16 -18.26 17.59
C HIS A 252 -4.69 -16.97 18.23
N SER A 253 -4.27 -17.06 19.50
CA SER A 253 -3.69 -15.94 20.23
C SER A 253 -4.61 -14.73 20.36
N GLN A 254 -5.91 -14.98 20.51
CA GLN A 254 -6.87 -13.89 20.69
C GLN A 254 -6.70 -13.25 22.06
N LEU A 255 -6.15 -14.01 23.01
CA LEU A 255 -5.90 -13.50 24.35
C LEU A 255 -4.79 -12.46 24.34
N PHE A 256 -5.09 -11.28 24.85
CA PHE A 256 -4.10 -10.20 24.93
C PHE A 256 -2.95 -10.64 25.83
N PRO A 257 -1.70 -10.35 25.42
CA PRO A 257 -0.51 -10.75 26.17
C PRO A 257 -0.55 -10.25 27.61
N GLN A 258 -0.57 -11.19 28.55
CA GLN A 258 -0.64 -10.88 29.97
C GLN A 258 0.61 -10.18 30.48
N GLU A 259 1.66 -10.19 29.66
CA GLU A 259 2.92 -9.54 30.01
C GLU A 259 2.72 -8.03 30.12
N ARG A 260 3.34 -7.45 31.14
CA ARG A 260 3.22 -6.02 31.43
C ARG A 260 3.68 -5.16 30.26
N LEU A 261 2.87 -4.15 29.93
CA LEU A 261 3.16 -3.28 28.78
C LEU A 261 4.24 -2.25 29.08
N ASP A 262 4.64 -1.51 28.05
CA ASP A 262 5.72 -0.54 28.17
C ASP A 262 5.19 0.89 28.17
N PHE A 263 4.28 1.17 27.24
CA PHE A 263 3.76 2.52 27.06
C PHE A 263 2.26 2.56 27.35
N PRO A 264 1.76 3.73 27.79
CA PRO A 264 0.33 3.88 28.11
C PRO A 264 -0.57 3.68 26.89
N ILE A 265 -1.64 2.91 27.05
CA ILE A 265 -2.57 2.64 25.98
C ILE A 265 -3.47 3.85 25.72
N VAL A 266 -3.57 4.25 24.46
CA VAL A 266 -4.43 5.37 24.08
C VAL A 266 -5.47 4.94 23.05
N GLY A 267 -5.67 3.63 22.90
CA GLY A 267 -6.65 3.12 21.97
C GLY A 267 -6.59 1.62 21.77
N VAL A 268 -7.75 0.97 21.84
CA VAL A 268 -7.87 -0.46 21.57
C VAL A 268 -9.02 -0.69 20.59
N ALA A 269 -8.78 -1.53 19.60
CA ALA A 269 -9.82 -1.87 18.62
C ALA A 269 -9.71 -3.33 18.21
N THR A 270 -10.84 -3.92 17.83
CA THR A 270 -10.88 -5.33 17.45
C THR A 270 -11.55 -5.54 16.10
N GLY A 271 -11.12 -6.60 15.41
CA GLY A 271 -11.75 -7.00 14.17
C GLY A 271 -12.66 -8.20 14.42
N SER A 272 -12.72 -9.11 13.46
CA SER A 272 -13.54 -10.31 13.61
C SER A 272 -12.86 -11.31 14.53
N GLU A 273 -11.55 -11.41 14.42
CA GLU A 273 -10.79 -12.37 15.21
C GLU A 273 -9.35 -11.91 15.46
N HIS A 274 -9.16 -10.60 15.58
CA HIS A 274 -7.86 -10.04 15.89
C HIS A 274 -7.99 -8.66 16.55
N GLY A 275 -7.04 -8.32 17.41
CA GLY A 275 -7.08 -7.07 18.13
C GLY A 275 -6.01 -6.10 17.68
N ILE A 276 -6.32 -4.81 17.79
CA ILE A 276 -5.39 -3.77 17.37
C ILE A 276 -5.14 -2.77 18.50
N LEU A 277 -3.89 -2.67 18.94
CA LEU A 277 -3.53 -1.83 20.07
C LEU A 277 -2.83 -0.54 19.62
N THR A 278 -3.13 0.55 20.31
CA THR A 278 -2.48 1.84 20.03
C THR A 278 -1.91 2.45 21.30
N THR A 279 -0.60 2.66 21.33
CA THR A 279 0.06 3.23 22.49
C THR A 279 0.71 4.57 22.17
N ALA A 280 0.92 5.38 23.20
CA ALA A 280 1.56 6.68 23.03
C ALA A 280 3.02 6.64 23.45
N ASN A 281 3.87 7.34 22.70
CA ASN A 281 5.30 7.37 22.98
C ASN A 281 5.82 8.79 23.16
N CYS A 288 4.69 10.71 19.26
CA CYS A 288 4.76 9.46 18.51
C CYS A 288 3.70 8.46 18.98
N TYR A 289 3.11 7.75 18.04
CA TYR A 289 2.09 6.75 18.37
C TYR A 289 2.35 5.43 17.66
N ASN A 290 2.43 4.36 18.45
CA ASN A 290 2.67 3.03 17.91
C ASN A 290 1.39 2.20 17.81
N VAL A 291 1.25 1.47 16.70
CA VAL A 291 0.10 0.60 16.52
C VAL A 291 0.53 -0.87 16.52
N TYR A 292 -0.11 -1.66 17.36
CA TYR A 292 0.21 -3.08 17.47
C TYR A 292 -0.98 -3.95 17.08
N CYS A 293 -0.72 -5.21 16.77
CA CYS A 293 -1.78 -6.15 16.42
C CYS A 293 -1.53 -7.53 17.01
N TRP A 294 -2.58 -8.18 17.47
CA TRP A 294 -2.49 -9.53 18.00
C TRP A 294 -3.71 -10.36 17.59
N GLY A 295 -3.55 -11.67 17.56
CA GLY A 295 -4.65 -12.56 17.27
C GLY A 295 -4.48 -13.34 15.98
N TRP A 296 -5.60 -13.79 15.42
CA TRP A 296 -5.60 -14.60 14.21
C TRP A 296 -5.24 -13.75 13.00
N GLY A 297 -3.94 -13.65 12.72
CA GLY A 297 -3.46 -12.86 11.61
C GLY A 297 -2.84 -13.72 10.51
N GLU A 298 -3.68 -14.43 9.76
CA GLU A 298 -3.21 -15.27 8.67
C GLU A 298 -3.11 -14.50 7.37
N HIS A 299 -4.03 -13.56 7.17
CA HIS A 299 -4.07 -12.76 5.96
C HIS A 299 -3.18 -11.53 6.06
N GLY A 300 -2.29 -11.53 7.04
CA GLY A 300 -1.37 -10.42 7.23
C GLY A 300 -1.99 -9.24 7.94
N ASN A 301 -3.18 -9.44 8.49
CA ASN A 301 -3.90 -8.39 9.20
C ASN A 301 -3.26 -8.02 10.53
N CYS A 302 -2.26 -8.80 10.94
CA CYS A 302 -1.53 -8.52 12.17
C CYS A 302 -0.11 -8.05 11.87
N GLY A 303 0.34 -8.24 10.63
CA GLY A 303 1.66 -7.81 10.23
C GLY A 303 2.40 -8.84 9.39
N PRO A 304 3.70 -8.64 9.17
CA PRO A 304 4.56 -9.54 8.40
C PRO A 304 4.56 -10.96 8.96
N GLN A 305 4.41 -11.10 10.26
CA GLN A 305 4.30 -12.41 10.89
C GLN A 305 2.89 -12.96 10.76
N LYS A 306 2.69 -13.87 9.81
CA LYS A 306 1.39 -14.49 9.63
C LYS A 306 1.33 -15.90 10.20
N GLY A 307 2.08 -16.14 11.27
CA GLY A 307 2.09 -17.43 11.92
C GLY A 307 1.11 -17.48 13.07
N SER A 308 0.41 -16.36 13.27
CA SER A 308 -0.56 -16.22 14.35
C SER A 308 0.02 -16.51 15.73
N GLN A 309 1.30 -16.15 15.90
CA GLN A 309 1.99 -16.35 17.16
C GLN A 309 1.54 -15.31 18.20
N PRO A 310 1.50 -15.71 19.47
CA PRO A 310 1.09 -14.80 20.54
C PRO A 310 2.06 -13.65 20.73
N GLY A 311 1.55 -12.50 21.17
CA GLY A 311 2.40 -11.33 21.37
C GLY A 311 1.95 -10.14 20.53
N LEU A 312 2.68 -9.04 20.65
CA LEU A 312 2.36 -7.82 19.91
C LEU A 312 3.46 -7.47 18.92
N GLN A 313 3.09 -7.32 17.66
CA GLN A 313 4.05 -6.90 16.64
C GLN A 313 3.69 -5.54 16.07
N LEU A 314 4.69 -4.67 15.94
CA LEU A 314 4.49 -3.32 15.44
C LEU A 314 4.14 -3.33 13.96
N VAL A 315 3.18 -2.49 13.57
CA VAL A 315 2.76 -2.42 12.18
C VAL A 315 2.90 -0.99 11.62
N GLY A 316 3.11 -0.02 12.50
CA GLY A 316 3.25 1.35 12.07
C GLY A 316 3.49 2.34 13.19
N GLN A 317 4.19 3.43 12.87
CA GLN A 317 4.43 4.52 13.81
C GLN A 317 4.00 5.84 13.18
N TYR A 318 3.21 6.61 13.91
CA TYR A 318 2.64 7.84 13.37
C TYR A 318 2.84 9.02 14.31
N SER A 319 2.84 10.23 13.73
CA SER A 319 3.04 11.45 14.49
C SER A 319 1.80 11.83 15.29
N GLY A 320 0.63 11.64 14.70
CA GLY A 320 -0.62 11.96 15.36
C GLY A 320 -1.39 10.72 15.77
N LYS A 321 -2.35 10.89 16.68
CA LYS A 321 -3.16 9.78 17.14
C LYS A 321 -4.09 9.26 16.04
N PRO A 322 -3.92 7.98 15.67
CA PRO A 322 -4.70 7.39 14.59
C PRO A 322 -6.01 6.79 15.06
N ARG A 323 -7.05 6.88 14.23
CA ARG A 323 -8.29 6.17 14.48
C ARG A 323 -8.20 4.79 13.86
N VAL A 324 -8.60 3.77 14.62
CA VAL A 324 -8.43 2.39 14.18
C VAL A 324 -9.76 1.65 14.02
N PHE A 325 -9.91 0.97 12.89
CA PHE A 325 -11.09 0.17 12.63
C PHE A 325 -10.69 -1.26 12.28
N GLY A 326 -11.36 -2.22 12.91
CA GLY A 326 -11.09 -3.62 12.66
C GLY A 326 -12.18 -4.28 11.84
N GLY A 327 -11.83 -5.32 11.11
CA GLY A 327 -12.79 -6.04 10.29
C GLY A 327 -12.49 -7.52 10.20
N CYS A 328 -13.07 -8.19 9.21
CA CYS A 328 -12.82 -9.60 8.99
C CYS A 328 -11.45 -9.81 8.37
N ALA A 329 -10.46 -10.09 9.21
CA ALA A 329 -9.06 -10.25 8.79
C ALA A 329 -8.54 -9.03 8.06
N THR A 330 -9.02 -7.85 8.45
CA THR A 330 -8.55 -6.59 7.87
C THR A 330 -8.28 -5.56 8.96
N THR A 331 -7.42 -4.60 8.66
CA THR A 331 -7.06 -3.56 9.61
C THR A 331 -7.01 -2.19 8.95
N TRP A 332 -7.72 -1.23 9.52
CA TRP A 332 -7.78 0.12 8.98
C TRP A 332 -7.19 1.15 9.93
N ILE A 333 -6.25 1.94 9.42
CA ILE A 333 -5.62 3.00 10.21
C ILE A 333 -5.87 4.35 9.54
N VAL A 334 -6.53 5.25 10.27
CA VAL A 334 -6.92 6.54 9.72
C VAL A 334 -6.25 7.70 10.46
N LEU A 335 -5.58 8.57 9.71
CA LEU A 335 -4.93 9.73 10.29
C LEU A 335 -5.67 11.02 9.94
N GLY B 1 3.60 -18.33 -15.03
CA GLY B 1 3.53 -19.15 -13.83
C GLY B 1 3.39 -18.32 -12.57
N ALA B 2 4.52 -17.98 -11.96
CA ALA B 2 4.52 -17.18 -10.74
C ALA B 2 4.76 -15.71 -11.04
N SER B 4 5.43 -11.63 -10.29
CA SER B 4 6.41 -10.90 -9.48
C SER B 4 5.74 -10.04 -8.42
N CYS B 5 6.40 -9.89 -7.28
CA CYS B 5 5.90 -9.04 -6.20
C CYS B 5 6.61 -7.69 -6.23
N VAL B 6 5.94 -6.69 -6.81
CA VAL B 6 6.55 -5.38 -7.02
C VAL B 6 6.07 -4.34 -6.00
N TYR B 7 7.04 -3.70 -5.33
CA TYR B 7 6.73 -2.62 -4.42
C TYR B 7 7.17 -1.28 -5.01
N ALA B 8 6.50 -0.20 -4.62
CA ALA B 8 6.81 1.12 -5.16
C ALA B 8 6.47 2.23 -4.18
N PHE B 9 7.32 3.25 -4.16
CA PHE B 9 7.09 4.43 -3.32
C PHE B 9 7.95 5.61 -3.78
N GLY B 10 7.56 6.81 -3.39
CA GLY B 10 8.27 8.01 -3.78
C GLY B 10 7.35 9.02 -4.43
N SER B 11 7.86 9.73 -5.44
CA SER B 11 7.07 10.72 -6.16
C SER B 11 5.91 10.06 -6.87
N ASN B 12 4.73 10.68 -6.78
CA ASN B 12 3.52 10.10 -7.34
C ASN B 12 2.57 11.18 -7.83
N GLY B 13 3.12 12.33 -8.20
CA GLY B 13 2.32 13.47 -8.65
C GLY B 13 1.51 13.17 -9.90
N GLN B 14 2.01 12.26 -10.74
CA GLN B 14 1.33 11.90 -11.96
C GLN B 14 0.91 10.43 -11.98
N ARG B 15 0.74 9.88 -10.79
CA ARG B 15 0.33 8.47 -10.62
C ARG B 15 1.29 7.49 -11.30
N GLN B 16 2.58 7.78 -11.23
CA GLN B 16 3.58 6.95 -11.89
C GLN B 16 4.03 5.76 -11.04
N LEU B 17 3.32 5.51 -9.95
CA LEU B 17 3.61 4.36 -9.10
C LEU B 17 2.65 3.20 -9.41
N GLY B 18 1.62 3.50 -10.18
CA GLY B 18 0.64 2.48 -10.56
C GLY B 18 -0.25 2.05 -9.41
N LEU B 19 -0.46 2.96 -8.46
CA LEU B 19 -1.28 2.67 -7.29
C LEU B 19 -2.71 3.16 -7.46
N GLY B 20 -2.94 3.94 -8.52
CA GLY B 20 -4.25 4.48 -8.80
C GLY B 20 -4.41 5.90 -8.30
N HIS B 21 -3.83 6.19 -7.14
CA HIS B 21 -3.91 7.51 -6.54
C HIS B 21 -2.66 8.33 -6.87
N ASP B 22 -2.71 9.62 -6.57
CA ASP B 22 -1.59 10.52 -6.86
C ASP B 22 -0.94 11.06 -5.58
N GLU B 23 -0.88 10.22 -4.55
CA GLU B 23 -0.29 10.60 -3.28
C GLU B 23 1.14 10.09 -3.15
N ASP B 24 2.06 10.98 -2.78
CA ASP B 24 3.46 10.61 -2.60
C ASP B 24 3.63 9.63 -1.44
N ASP B 26 5.93 7.17 1.22
CA ASP B 26 7.21 7.08 1.92
C ASP B 26 7.51 5.65 2.37
N THR B 27 6.58 4.75 2.11
CA THR B 27 6.75 3.34 2.43
C THR B 27 6.40 2.48 1.22
N PRO B 28 7.10 1.35 1.04
CA PRO B 28 6.89 0.45 -0.09
C PRO B 28 5.44 0.01 -0.25
N GLN B 29 4.81 0.41 -1.34
CA GLN B 29 3.43 0.05 -1.63
C GLN B 29 3.38 -1.00 -2.73
N ARG B 30 2.56 -2.04 -2.52
CA ARG B 30 2.42 -3.11 -3.50
C ARG B 30 1.77 -2.60 -4.78
N SER B 31 2.52 -2.64 -5.88
CA SER B 31 2.02 -2.19 -7.17
C SER B 31 1.77 -3.38 -8.09
N VAL B 32 0.50 -3.64 -8.38
CA VAL B 32 0.12 -4.77 -9.21
C VAL B 32 -0.42 -4.35 -10.57
N PRO B 33 0.26 -4.77 -11.65
CA PRO B 33 -0.15 -4.45 -13.02
C PRO B 33 -1.41 -5.22 -13.42
N GLY B 34 -2.47 -4.49 -13.76
CA GLY B 34 -3.71 -5.11 -14.18
C GLY B 34 -4.42 -5.82 -13.03
N ASP B 35 -4.99 -6.98 -13.33
CA ASP B 35 -5.71 -7.75 -12.33
C ASP B 35 -5.00 -9.05 -11.98
N ASP B 36 -4.25 -9.60 -12.94
CA ASP B 36 -3.56 -10.86 -12.74
C ASP B 36 -2.10 -10.66 -12.35
N GLY B 37 -1.51 -9.57 -12.82
CA GLY B 37 -0.11 -9.27 -12.54
C GLY B 37 0.78 -9.53 -13.74
N ALA B 38 2.09 -9.46 -13.53
CA ALA B 38 3.05 -9.69 -14.60
C ALA B 38 4.42 -10.09 -14.07
N ILE B 39 5.09 -10.99 -14.78
CA ILE B 39 6.44 -11.40 -14.43
C ILE B 39 7.43 -10.34 -14.91
N VAL B 40 7.87 -9.49 -13.98
CA VAL B 40 8.70 -8.34 -14.32
C VAL B 40 10.15 -8.71 -14.59
N ARG B 41 10.67 -8.26 -15.73
CA ARG B 41 12.07 -8.45 -16.08
C ARG B 41 12.87 -7.19 -15.80
N LYS B 42 12.29 -6.05 -16.12
CA LYS B 42 12.98 -4.77 -15.97
C LYS B 42 11.97 -3.62 -15.79
N ILE B 43 12.34 -2.63 -14.99
CA ILE B 43 11.50 -1.46 -14.79
C ILE B 43 12.23 -0.19 -15.24
N ALA B 44 11.66 0.52 -16.21
CA ALA B 44 12.23 1.77 -16.68
C ALA B 44 11.40 2.95 -16.18
N CYS B 45 12.08 3.99 -15.71
CA CYS B 45 11.39 5.13 -15.11
C CYS B 45 11.75 6.44 -15.79
N GLY B 46 10.72 7.25 -16.08
CA GLY B 46 10.93 8.55 -16.67
C GLY B 46 10.79 9.67 -15.65
N GLY B 47 10.57 10.89 -16.13
CA GLY B 47 10.41 12.03 -15.25
C GLY B 47 9.15 11.93 -14.42
N ASN B 48 8.03 11.70 -15.09
CA ASN B 48 6.74 11.56 -14.42
C ASN B 48 5.94 10.40 -14.99
N HIS B 49 6.65 9.40 -15.51
CA HIS B 49 6.00 8.20 -16.05
C HIS B 49 6.85 6.96 -15.74
N SER B 50 6.21 5.80 -15.80
CA SER B 50 6.89 4.54 -15.48
C SER B 50 6.57 3.46 -16.51
N VAL B 51 7.59 2.66 -16.84
CA VAL B 51 7.45 1.58 -17.80
C VAL B 51 7.96 0.27 -17.21
N LEU B 53 8.68 -3.91 -17.91
CA LEU B 53 8.86 -4.95 -18.92
C LEU B 53 8.62 -6.35 -18.38
N THR B 54 7.82 -7.13 -19.10
CA THR B 54 7.54 -8.50 -18.72
C THR B 54 8.51 -9.47 -19.41
N ASN B 55 8.45 -10.74 -19.01
CA ASN B 55 9.30 -11.76 -19.62
C ASN B 55 8.73 -12.26 -20.94
N ASP B 56 7.49 -11.86 -21.24
CA ASP B 56 6.82 -12.28 -22.47
C ASP B 56 6.96 -11.22 -23.56
N GLY B 57 7.73 -10.17 -23.27
CA GLY B 57 7.98 -9.13 -24.25
C GLY B 57 6.87 -8.10 -24.34
N ASN B 58 6.07 -8.01 -23.28
CA ASN B 58 4.99 -7.01 -23.24
C ASN B 58 5.39 -5.77 -22.44
N LEU B 59 4.66 -4.68 -22.67
CA LEU B 59 5.00 -3.41 -22.06
C LEU B 59 3.80 -2.75 -21.38
N VAL B 60 3.78 -2.77 -20.06
CA VAL B 60 2.77 -2.08 -19.29
C VAL B 60 3.35 -0.79 -18.71
N GLY B 61 2.51 0.22 -18.52
CA GLY B 61 2.99 1.48 -18.00
C GLY B 61 1.92 2.39 -17.42
N CYS B 62 2.37 3.48 -16.80
CA CYS B 62 1.46 4.45 -16.18
C CYS B 62 2.22 5.74 -15.92
N GLY B 63 1.49 6.86 -15.84
CA GLY B 63 2.10 8.13 -15.53
C GLY B 63 1.71 9.27 -16.47
N ASP B 64 2.55 10.28 -16.55
CA ASP B 64 2.29 11.46 -17.37
C ASP B 64 2.22 11.10 -18.85
N ASN B 65 1.42 11.87 -19.59
CA ASN B 65 1.27 11.67 -21.03
C ASN B 65 1.07 12.99 -21.76
N ARG B 66 1.53 14.07 -21.15
CA ARG B 66 1.39 15.40 -21.73
C ARG B 66 2.45 15.66 -22.80
N ARG B 67 3.35 14.70 -22.98
CA ARG B 67 4.41 14.83 -23.98
C ARG B 67 4.37 13.64 -24.93
N GLY B 68 3.35 12.79 -24.78
CA GLY B 68 3.22 11.60 -25.60
C GLY B 68 4.10 10.47 -25.09
N GLU B 69 4.25 10.41 -23.77
CA GLU B 69 5.15 9.43 -23.14
C GLU B 69 4.81 7.97 -23.45
N LEU B 70 3.55 7.60 -23.25
CA LEU B 70 3.15 6.21 -23.43
C LEU B 70 1.92 6.02 -24.32
N ASP B 71 1.24 7.11 -24.63
CA ASP B 71 0.05 7.03 -25.49
C ASP B 71 -0.22 8.37 -26.18
N ALA B 73 -3.89 8.76 -27.53
CA ALA B 73 -4.55 10.05 -27.74
C ALA B 73 -3.64 11.20 -27.34
N GLN B 74 -4.14 12.42 -27.52
CA GLN B 74 -3.36 13.61 -27.20
C GLN B 74 -3.98 14.37 -26.03
N ALA B 75 -5.30 14.26 -25.90
CA ALA B 75 -6.01 14.88 -24.79
C ALA B 75 -5.77 14.09 -23.50
N LEU B 76 -5.40 12.82 -23.65
CA LEU B 76 -5.06 11.97 -22.53
C LEU B 76 -3.77 12.48 -21.90
N ARG B 77 -3.90 13.39 -20.94
CA ARG B 77 -2.76 14.04 -20.32
C ARG B 77 -2.09 13.19 -19.25
N GLN B 78 -2.75 12.10 -18.87
CA GLN B 78 -2.23 11.24 -17.80
C GLN B 78 -2.83 9.84 -17.86
N VAL B 79 -1.99 8.83 -17.72
CA VAL B 79 -2.45 7.44 -17.65
C VAL B 79 -2.71 7.09 -16.18
N HIS B 80 -3.96 6.73 -15.88
CA HIS B 80 -4.40 6.53 -14.50
C HIS B 80 -3.76 5.31 -13.84
N ASP B 81 -3.90 4.14 -14.46
CA ASP B 81 -3.34 2.92 -13.92
C ASP B 81 -2.43 2.21 -14.92
N TRP B 82 -1.99 1.01 -14.57
CA TRP B 82 -1.11 0.23 -15.46
C TRP B 82 -1.81 -0.11 -16.77
N ARG B 83 -1.53 0.67 -17.80
CA ARG B 83 -2.11 0.47 -19.11
C ARG B 83 -1.08 -0.11 -20.07
N PRO B 84 -1.48 -1.13 -20.85
CA PRO B 84 -0.61 -1.72 -21.88
C PRO B 84 -0.16 -0.68 -22.89
N VAL B 85 1.07 -0.81 -23.37
CA VAL B 85 1.63 0.14 -24.32
C VAL B 85 1.72 -0.48 -25.71
N GLU B 86 1.34 0.29 -26.72
CA GLU B 86 1.41 -0.16 -28.11
C GLU B 86 2.85 -0.48 -28.47
N VAL B 87 3.06 -1.62 -29.14
CA VAL B 87 4.42 -2.03 -29.51
C VAL B 87 4.40 -2.94 -30.75
N PRO B 88 5.20 -2.58 -31.77
CA PRO B 88 5.19 -3.28 -33.06
C PRO B 88 5.88 -4.64 -33.05
N ALA B 89 6.64 -4.95 -32.00
CA ALA B 89 7.36 -6.21 -31.91
C ALA B 89 7.78 -6.53 -30.48
N PRO B 90 7.80 -7.84 -30.13
CA PRO B 90 8.20 -8.30 -28.79
C PRO B 90 9.53 -7.71 -28.33
N VAL B 91 9.46 -6.85 -27.31
CA VAL B 91 10.64 -6.14 -26.82
C VAL B 91 11.52 -6.98 -25.91
N VAL B 92 12.79 -6.61 -25.82
CA VAL B 92 13.77 -7.34 -25.01
C VAL B 92 14.46 -6.41 -24.03
N ASP B 93 14.40 -5.11 -24.29
CA ASP B 93 15.03 -4.12 -23.41
C ASP B 93 14.36 -2.75 -23.54
N VAL B 94 14.17 -2.08 -22.41
CA VAL B 94 13.52 -0.77 -22.39
C VAL B 94 14.36 0.28 -21.67
N ALA B 95 14.11 1.55 -21.99
CA ALA B 95 14.75 2.67 -21.32
C ALA B 95 13.85 3.90 -21.40
N CYS B 96 14.10 4.88 -20.53
CA CYS B 96 13.26 6.06 -20.47
C CYS B 96 14.05 7.35 -20.25
N GLY B 97 13.55 8.44 -20.82
CA GLY B 97 14.12 9.76 -20.61
C GLY B 97 13.21 10.62 -19.77
N TRP B 98 13.43 11.92 -19.79
CA TRP B 98 12.61 12.86 -19.01
C TRP B 98 11.17 12.89 -19.49
N ASP B 99 10.97 12.71 -20.79
CA ASP B 99 9.63 12.71 -21.37
C ASP B 99 9.56 11.82 -22.61
N THR B 100 10.48 10.86 -22.69
CA THR B 100 10.57 9.97 -23.84
C THR B 100 10.70 8.51 -23.42
N THR B 101 10.49 7.60 -24.37
CA THR B 101 10.57 6.17 -24.10
C THR B 101 11.10 5.42 -25.32
N VAL B 102 12.24 4.75 -25.15
CA VAL B 102 12.82 3.96 -26.23
C VAL B 102 12.77 2.47 -25.91
N ILE B 103 12.68 1.65 -26.95
CA ILE B 103 12.60 0.20 -26.77
C ILE B 103 13.55 -0.54 -27.71
N VAL B 104 13.76 -1.82 -27.43
CA VAL B 104 14.54 -2.69 -28.30
C VAL B 104 13.81 -4.02 -28.46
N ASP B 105 13.38 -4.33 -29.67
CA ASP B 105 12.61 -5.54 -29.93
C ASP B 105 13.49 -6.77 -30.13
N ALA B 106 12.87 -7.91 -30.37
CA ALA B 106 13.59 -9.16 -30.56
C ALA B 106 14.14 -9.29 -31.97
N ASP B 107 13.82 -8.31 -32.82
CA ASP B 107 14.29 -8.33 -34.20
C ASP B 107 15.47 -7.38 -34.41
N GLY B 108 15.98 -6.84 -33.31
CA GLY B 108 17.18 -6.02 -33.34
C GLY B 108 16.94 -4.55 -33.64
N ARG B 109 15.69 -4.19 -33.94
CA ARG B 109 15.36 -2.80 -34.26
C ARG B 109 14.97 -2.00 -33.01
N VAL B 110 15.17 -0.70 -33.08
CA VAL B 110 14.84 0.19 -31.96
C VAL B 110 13.71 1.15 -32.33
N TRP B 111 12.95 1.58 -31.33
CA TRP B 111 11.84 2.51 -31.54
C TRP B 111 11.81 3.56 -30.45
N GLN B 112 10.98 4.59 -30.63
CA GLN B 112 10.89 5.67 -29.66
C GLN B 112 9.63 6.51 -29.81
N ARG B 113 8.93 6.72 -28.69
CA ARG B 113 7.81 7.65 -28.66
C ARG B 113 8.04 8.67 -27.54
N GLY B 114 7.36 9.81 -27.62
CA GLY B 114 7.50 10.86 -26.62
C GLY B 114 8.09 12.13 -27.20
N GLY B 115 8.26 13.13 -26.35
CA GLY B 115 8.80 14.41 -26.78
C GLY B 115 7.81 15.20 -27.63
N GLY B 116 7.47 14.65 -28.79
CA GLY B 116 6.51 15.27 -29.67
C GLY B 116 5.95 14.27 -30.67
N CYS B 117 5.95 13.00 -30.27
CA CYS B 117 5.46 11.93 -31.13
C CYS B 117 4.60 10.94 -30.34
N TYR B 118 3.50 10.51 -30.94
CA TYR B 118 2.56 9.62 -30.26
C TYR B 118 2.55 8.21 -30.85
N GLU B 119 3.69 7.80 -31.39
CA GLU B 119 3.86 6.47 -31.93
C GLU B 119 5.35 6.12 -31.99
N PHE B 120 5.67 4.85 -31.85
CA PHE B 120 7.05 4.40 -31.87
C PHE B 120 7.72 4.67 -33.22
N THR B 121 8.66 5.62 -33.22
CA THR B 121 9.39 5.97 -34.43
C THR B 121 10.74 5.26 -34.46
N GLN B 122 11.03 4.59 -35.56
CA GLN B 122 12.26 3.82 -35.70
C GLN B 122 13.47 4.72 -35.93
N GLN B 123 14.55 4.45 -35.21
CA GLN B 123 15.80 5.18 -35.39
C GLN B 123 16.87 4.28 -35.99
N HIS B 124 17.69 4.85 -36.87
CA HIS B 124 18.63 4.07 -37.66
C HIS B 124 19.93 3.78 -36.91
N VAL B 125 20.08 2.53 -36.48
CA VAL B 125 21.32 2.09 -35.84
C VAL B 125 21.90 0.86 -36.55
N PRO B 126 23.14 0.99 -37.05
CA PRO B 126 23.81 -0.07 -37.82
C PRO B 126 24.21 -1.27 -36.95
N LEU B 127 23.25 -2.11 -36.61
CA LEU B 127 23.51 -3.30 -35.81
C LEU B 127 22.73 -4.49 -36.34
N ASN B 128 23.37 -5.65 -36.38
CA ASN B 128 22.72 -6.88 -36.86
C ASN B 128 22.47 -7.86 -35.72
N SER B 129 21.25 -8.39 -35.67
CA SER B 129 20.83 -9.24 -34.56
C SER B 129 21.42 -10.65 -34.62
N ASN B 130 21.87 -11.14 -33.46
CA ASN B 130 22.38 -12.49 -33.33
C ASN B 130 22.36 -12.93 -31.87
N ASP B 131 23.37 -13.68 -31.45
CA ASP B 131 23.46 -14.13 -30.06
C ASP B 131 23.86 -12.98 -29.16
N GLU B 132 24.51 -11.98 -29.73
CA GLU B 132 24.88 -10.77 -28.99
C GLU B 132 23.67 -9.86 -28.83
N ARG B 133 23.22 -9.71 -27.59
CA ARG B 133 22.04 -8.92 -27.28
C ARG B 133 22.29 -7.42 -27.48
N ILE B 134 21.22 -6.70 -27.84
CA ILE B 134 21.29 -5.26 -28.00
C ILE B 134 20.68 -4.56 -26.79
N ALA B 135 21.53 -3.91 -26.00
CA ALA B 135 21.09 -3.24 -24.79
C ALA B 135 20.95 -1.73 -24.98
N VAL B 136 19.89 -1.17 -24.40
CA VAL B 136 19.65 0.27 -24.48
C VAL B 136 19.62 0.89 -23.09
N TYR B 137 20.09 2.14 -22.99
CA TYR B 137 20.11 2.85 -21.73
C TYR B 137 19.68 4.30 -21.96
N GLY B 138 19.09 4.92 -20.94
CA GLY B 138 18.61 6.28 -21.06
C GLY B 138 18.61 7.08 -19.78
N CYS B 139 18.84 8.38 -19.91
CA CYS B 139 18.83 9.29 -18.77
C CYS B 139 18.61 10.73 -19.23
N PHE B 140 17.63 11.39 -18.63
CA PHE B 140 17.27 12.77 -18.95
C PHE B 140 16.91 12.94 -20.43
N GLN B 141 17.83 13.48 -21.21
CA GLN B 141 17.60 13.68 -22.63
C GLN B 141 18.71 13.04 -23.46
N ASN B 142 19.17 11.87 -23.02
CA ASN B 142 20.23 11.14 -23.70
C ASN B 142 19.95 9.64 -23.73
N PHE B 143 20.18 9.01 -24.87
CA PHE B 143 19.99 7.58 -25.02
C PHE B 143 21.20 6.89 -25.65
N VAL B 144 21.40 5.63 -25.32
CA VAL B 144 22.57 4.88 -25.79
C VAL B 144 22.20 3.45 -26.18
N VAL B 145 22.61 3.05 -27.39
CA VAL B 145 22.40 1.69 -27.87
C VAL B 145 23.73 0.94 -27.95
N VAL B 146 23.78 -0.25 -27.36
CA VAL B 146 25.02 -1.02 -27.27
C VAL B 146 24.90 -2.45 -27.75
N GLN B 147 25.76 -2.85 -28.67
CA GLN B 147 25.87 -4.25 -29.09
C GLN B 147 27.32 -4.64 -29.32
N GLY B 148 27.81 -5.59 -28.51
CA GLY B 148 29.17 -6.07 -28.65
C GLY B 148 30.21 -5.07 -28.17
N THR B 149 30.90 -4.44 -29.10
CA THR B 149 31.98 -3.52 -28.78
C THR B 149 31.62 -2.07 -29.09
N ARG B 150 30.68 -1.87 -30.01
CA ARG B 150 30.29 -0.53 -30.43
C ARG B 150 29.23 0.09 -29.53
N VAL B 151 29.33 1.39 -29.31
CA VAL B 151 28.38 2.12 -28.47
C VAL B 151 27.86 3.35 -29.20
N TYR B 152 26.58 3.31 -29.58
CA TYR B 152 25.95 4.43 -30.26
C TYR B 152 25.10 5.24 -29.29
N GLY B 153 24.80 6.48 -29.66
CA GLY B 153 24.01 7.35 -28.81
C GLY B 153 23.56 8.64 -29.50
N TRP B 154 22.51 9.24 -28.96
CA TRP B 154 21.98 10.50 -29.49
C TRP B 154 21.33 11.33 -28.39
N GLY B 155 20.86 12.52 -28.76
CA GLY B 155 20.21 13.40 -27.81
C GLY B 155 20.93 14.73 -27.66
N SER B 156 21.26 15.09 -26.42
CA SER B 156 21.93 16.35 -26.14
C SER B 156 23.44 16.16 -26.04
N ASN B 157 24.17 17.21 -26.39
CA ASN B 157 25.63 17.19 -26.30
C ASN B 157 26.20 18.60 -26.17
N THR B 158 25.91 19.25 -25.04
CA THR B 158 26.40 20.60 -24.80
C THR B 158 27.62 20.57 -23.87
N LYS B 159 27.91 19.39 -23.33
CA LYS B 159 29.04 19.23 -22.43
C LYS B 159 30.06 18.25 -23.00
N SER B 169 22.37 19.70 -30.21
CA SER B 169 21.58 18.49 -30.01
C SER B 169 21.55 17.63 -31.27
N LEU B 170 21.89 16.36 -31.12
CA LEU B 170 21.89 15.43 -32.25
C LEU B 170 20.66 14.53 -32.23
N LYS B 171 19.89 14.57 -33.32
CA LYS B 171 18.68 13.75 -33.42
C LYS B 171 19.01 12.37 -33.98
N GLU B 172 20.15 12.26 -34.66
CA GLU B 172 20.58 10.99 -35.22
C GLU B 172 21.67 10.36 -34.34
N PRO B 173 21.61 9.03 -34.17
CA PRO B 173 22.60 8.31 -33.35
C PRO B 173 23.96 8.23 -34.02
N VAL B 174 25.01 8.51 -33.27
CA VAL B 174 26.37 8.45 -33.80
C VAL B 174 27.23 7.51 -32.97
N LEU B 175 28.32 7.02 -33.57
CA LEU B 175 29.24 6.15 -32.88
C LEU B 175 30.03 6.96 -31.86
N VAL B 176 29.69 6.79 -30.58
CA VAL B 176 30.32 7.59 -29.53
C VAL B 176 31.66 7.01 -29.10
N TYR B 177 31.82 5.68 -29.23
CA TYR B 177 33.04 5.01 -28.80
C TYR B 177 33.07 3.54 -29.22
N ASP B 178 34.26 3.05 -29.54
CA ASP B 178 34.48 1.63 -29.79
C ASP B 178 35.73 1.21 -29.05
N THR B 179 35.73 -0.01 -28.52
CA THR B 179 36.83 -0.46 -27.65
C THR B 179 38.20 -0.61 -28.36
N GLY B 180 38.32 -1.41 -29.43
CA GLY B 180 37.26 -2.21 -30.01
C GLY B 180 37.58 -3.69 -29.95
N SER B 181 37.72 -4.20 -28.73
CA SER B 181 38.07 -5.61 -28.52
C SER B 181 37.08 -6.31 -27.60
N VAL B 182 37.18 -6.02 -26.30
CA VAL B 182 36.30 -6.63 -25.32
C VAL B 182 34.88 -6.10 -25.41
N ALA B 183 33.91 -6.89 -24.97
CA ALA B 183 32.50 -6.52 -25.05
C ALA B 183 32.10 -5.56 -23.93
N VAL B 184 31.19 -4.65 -24.25
CA VAL B 184 30.68 -3.70 -23.27
C VAL B 184 29.56 -4.31 -22.44
N ASP B 185 29.75 -4.36 -21.13
CA ASP B 185 28.75 -4.92 -20.23
C ASP B 185 27.54 -4.01 -20.14
N TYR B 186 27.78 -2.75 -19.78
CA TYR B 186 26.70 -1.77 -19.63
C TYR B 186 27.23 -0.35 -19.78
N VAL B 187 26.31 0.61 -19.79
CA VAL B 187 26.68 2.03 -19.86
C VAL B 187 25.98 2.82 -18.76
N ALA B 188 26.76 3.29 -17.79
CA ALA B 188 26.22 4.10 -16.71
C ALA B 188 26.03 5.54 -17.18
N GLY B 190 24.16 9.54 -16.76
CA GLY B 190 23.66 10.55 -15.85
C GLY B 190 23.28 11.81 -16.60
N LYS B 191 23.16 12.92 -15.88
CA LYS B 191 22.87 14.20 -16.50
C LYS B 191 24.16 14.87 -16.98
N ASP B 192 24.24 15.10 -18.30
CA ASP B 192 25.38 15.75 -18.93
C ASP B 192 26.69 14.97 -18.85
N PHE B 193 26.61 13.67 -18.60
CA PHE B 193 27.79 12.81 -18.63
C PHE B 193 27.46 11.35 -18.92
N VAL B 195 29.35 7.03 -18.63
CA VAL B 195 30.45 6.14 -18.31
C VAL B 195 30.23 4.76 -18.93
N ILE B 196 31.22 4.29 -19.70
CA ILE B 196 31.14 2.98 -20.35
C ILE B 196 31.96 1.93 -19.63
N VAL B 197 31.34 0.80 -19.32
CA VAL B 197 31.99 -0.28 -18.58
C VAL B 197 31.95 -1.60 -19.35
N ASP B 198 33.10 -2.28 -19.43
CA ASP B 198 33.19 -3.56 -20.11
C ASP B 198 32.88 -4.74 -19.18
N GLU B 199 33.11 -5.95 -19.67
CA GLU B 199 32.84 -7.16 -18.89
C GLU B 199 33.87 -7.38 -17.79
N GLY B 200 35.02 -6.72 -17.91
CA GLY B 200 36.09 -6.86 -16.94
C GLY B 200 35.89 -5.97 -15.73
N GLY B 201 34.81 -5.19 -15.73
CA GLY B 201 34.52 -4.28 -14.64
C GLY B 201 35.45 -3.09 -14.65
N ARG B 202 35.90 -2.71 -15.84
CA ARG B 202 36.82 -1.59 -16.00
C ARG B 202 36.15 -0.42 -16.70
N ILE B 203 36.37 0.79 -16.18
CA ILE B 203 35.87 1.99 -16.83
C ILE B 203 36.71 2.28 -18.08
N VAL B 204 36.12 2.07 -19.24
CA VAL B 204 36.84 2.22 -20.51
C VAL B 204 36.81 3.65 -21.03
N HIS B 205 35.63 4.25 -21.04
CA HIS B 205 35.46 5.60 -21.58
C HIS B 205 34.41 6.41 -20.85
N ALA B 206 34.66 7.72 -20.72
CA ALA B 206 33.69 8.62 -20.12
C ALA B 206 33.43 9.81 -21.04
N SER B 207 32.27 10.45 -20.88
CA SER B 207 31.90 11.56 -21.75
C SER B 207 31.14 12.65 -20.99
N GLY B 208 30.89 13.76 -21.67
CA GLY B 208 30.12 14.85 -21.10
C GLY B 208 30.81 15.58 -19.96
N ARG B 209 30.01 16.20 -19.10
CA ARG B 209 30.53 16.94 -17.96
C ARG B 209 30.65 16.06 -16.72
N LEU B 210 31.88 15.67 -16.41
CA LEU B 210 32.14 14.86 -15.22
C LEU B 210 32.24 15.75 -13.98
N PRO B 211 31.60 15.33 -12.88
CA PRO B 211 31.62 16.09 -11.63
C PRO B 211 33.01 16.13 -11.00
N THR B 212 33.18 16.98 -9.99
CA THR B 212 34.48 17.11 -9.32
C THR B 212 34.85 15.84 -8.56
N GLY B 213 36.15 15.59 -8.45
CA GLY B 213 36.63 14.40 -7.75
C GLY B 213 36.89 13.24 -8.67
N PHE B 214 35.95 12.98 -9.57
CA PHE B 214 36.06 11.87 -10.51
C PHE B 214 37.08 12.17 -11.61
N GLU B 215 38.29 11.65 -11.45
CA GLU B 215 39.34 11.82 -12.44
C GLU B 215 39.49 10.56 -13.29
N LEU B 216 39.30 10.72 -14.60
CA LEU B 216 39.24 9.59 -15.53
C LEU B 216 40.50 8.71 -15.52
N LYS B 217 41.66 9.33 -15.65
CA LYS B 217 42.92 8.60 -15.78
C LYS B 217 43.23 7.73 -14.55
N GLN B 218 42.75 8.14 -13.39
CA GLN B 218 43.02 7.42 -12.16
C GLN B 218 42.02 6.28 -11.94
N GLN B 219 40.88 6.35 -12.61
CA GLN B 219 39.83 5.35 -12.44
C GLN B 219 39.86 4.27 -13.52
N GLN B 220 40.88 4.31 -14.37
CA GLN B 220 40.99 3.34 -15.46
C GLN B 220 41.88 2.15 -15.11
N LYS B 221 42.75 2.35 -14.13
CA LYS B 221 43.69 1.30 -13.72
C LYS B 221 43.02 0.26 -12.83
N ARG B 222 41.79 0.55 -12.38
CA ARG B 222 41.07 -0.31 -11.46
C ARG B 222 40.33 -1.43 -12.18
N HIS B 223 40.07 -2.52 -11.46
CA HIS B 223 39.37 -3.67 -12.01
C HIS B 223 38.14 -4.03 -11.19
N ASN B 224 37.21 -4.74 -11.81
CA ASN B 224 35.99 -5.23 -11.15
C ASN B 224 35.19 -4.14 -10.43
N LEU B 225 34.75 -3.14 -11.19
CA LEU B 225 33.98 -2.03 -10.62
C LEU B 225 32.54 -2.03 -11.12
N VAL B 226 31.62 -1.68 -10.22
CA VAL B 226 30.22 -1.52 -10.59
C VAL B 226 29.88 -0.03 -10.56
N VAL B 227 29.71 0.56 -11.73
CA VAL B 227 29.50 1.99 -11.85
C VAL B 227 28.01 2.35 -11.91
N LEU B 228 27.59 3.24 -11.01
CA LEU B 228 26.22 3.74 -11.01
C LEU B 228 26.23 5.26 -10.97
N CYS B 229 25.31 5.88 -11.70
CA CYS B 229 25.27 7.33 -11.81
C CYS B 229 23.88 7.90 -11.56
N TRP B 231 22.41 12.02 -11.35
CA TRP B 231 22.36 13.11 -12.32
C TRP B 231 23.63 13.95 -12.25
N THR B 232 24.07 14.25 -11.03
CA THR B 232 25.27 15.06 -10.85
C THR B 232 26.29 14.36 -9.95
N SER B 233 26.29 13.04 -9.99
CA SER B 233 27.21 12.25 -9.16
C SER B 233 27.49 10.87 -9.73
N ILE B 234 28.70 10.37 -9.48
CA ILE B 234 29.09 9.03 -9.90
C ILE B 234 29.41 8.19 -8.68
N HIS B 235 28.98 6.93 -8.69
CA HIS B 235 29.14 6.06 -7.53
C HIS B 235 29.73 4.71 -7.91
N LEU B 236 30.81 4.32 -7.22
CA LEU B 236 31.51 3.08 -7.52
C LEU B 236 31.31 2.04 -6.42
N TRP B 237 30.59 0.97 -6.75
CA TRP B 237 30.40 -0.14 -5.83
C TRP B 237 31.63 -1.05 -5.83
N ASN B 238 32.41 -0.99 -4.76
CA ASN B 238 33.56 -1.85 -4.61
C ASN B 238 33.32 -2.93 -3.56
N ALA B 239 33.09 -4.16 -4.02
CA ALA B 239 32.78 -5.27 -3.12
C ALA B 239 33.98 -5.67 -2.27
N ARG B 240 35.18 -5.28 -2.71
CA ARG B 240 36.39 -5.57 -1.98
C ARG B 240 36.45 -4.81 -0.66
N LEU B 241 36.30 -3.49 -0.74
CA LEU B 241 36.35 -2.64 0.44
C LEU B 241 34.98 -2.56 1.12
N ASN B 242 33.97 -3.13 0.45
CA ASN B 242 32.60 -3.15 0.96
C ASN B 242 32.05 -1.76 1.27
N THR B 243 32.01 -0.91 0.24
CA THR B 243 31.48 0.44 0.37
C THR B 243 31.16 1.04 -0.99
N VAL B 244 30.54 2.21 -0.99
CA VAL B 244 30.22 2.91 -2.23
C VAL B 244 31.02 4.20 -2.36
N GLU B 245 31.97 4.21 -3.29
CA GLU B 245 32.82 5.37 -3.51
C GLU B 245 32.09 6.41 -4.37
N SER B 246 31.73 7.54 -3.76
CA SER B 246 30.94 8.55 -4.44
C SER B 246 31.76 9.77 -4.86
N PHE B 247 31.38 10.36 -5.98
CA PHE B 247 32.04 11.55 -6.49
C PHE B 247 31.00 12.58 -6.92
N GLY B 248 31.15 13.82 -6.47
CA GLY B 248 30.23 14.88 -6.85
C GLY B 248 30.09 15.98 -5.80
N ARG B 249 29.08 16.82 -5.97
CA ARG B 249 28.84 17.93 -5.06
C ARG B 249 28.29 17.43 -3.73
N GLY B 250 27.23 16.64 -3.79
CA GLY B 250 26.61 16.10 -2.58
C GLY B 250 25.89 17.16 -1.78
N THR B 251 25.13 18.00 -2.47
CA THR B 251 24.39 19.08 -1.83
C THR B 251 23.25 18.55 -0.96
N HIS B 252 22.59 17.49 -1.44
CA HIS B 252 21.51 16.87 -0.70
C HIS B 252 21.80 15.40 -0.37
N SER B 253 22.95 15.17 0.26
CA SER B 253 23.34 13.85 0.73
C SER B 253 23.44 12.79 -0.37
N GLN B 254 23.84 13.21 -1.56
CA GLN B 254 24.07 12.27 -2.66
C GLN B 254 25.31 11.43 -2.39
N LEU B 255 26.27 12.01 -1.67
CA LEU B 255 27.48 11.31 -1.29
C LEU B 255 27.16 10.18 -0.32
N PHE B 256 27.63 8.98 -0.65
CA PHE B 256 27.43 7.82 0.21
C PHE B 256 28.20 8.00 1.51
N PRO B 257 27.51 7.84 2.65
CA PRO B 257 28.10 8.04 3.98
C PRO B 257 29.27 7.09 4.24
N GLN B 258 30.39 7.64 4.69
CA GLN B 258 31.59 6.85 4.93
C GLN B 258 31.49 6.11 6.27
N GLU B 259 30.99 4.88 6.21
CA GLU B 259 30.83 4.06 7.39
C GLU B 259 31.48 2.70 7.19
N ARG B 260 31.80 2.02 8.29
CA ARG B 260 32.38 0.69 8.22
C ARG B 260 31.29 -0.36 7.96
N LEU B 261 30.05 0.11 8.00
CA LEU B 261 28.87 -0.74 7.76
C LEU B 261 28.72 -1.88 8.76
N ASP B 262 27.68 -2.68 8.57
CA ASP B 262 27.40 -3.81 9.46
C ASP B 262 27.39 -5.11 8.67
N PHE B 263 26.60 -5.14 7.60
CA PHE B 263 26.49 -6.32 6.76
C PHE B 263 27.05 -6.03 5.36
N PRO B 264 27.61 -7.06 4.70
CA PRO B 264 28.17 -6.92 3.36
C PRO B 264 27.14 -6.45 2.34
N ILE B 265 27.61 -5.79 1.28
CA ILE B 265 26.73 -5.28 0.24
C ILE B 265 26.54 -6.32 -0.87
N VAL B 266 25.29 -6.60 -1.20
CA VAL B 266 24.97 -7.58 -2.24
C VAL B 266 24.25 -6.94 -3.42
N GLY B 267 24.13 -5.62 -3.40
CA GLY B 267 23.46 -4.91 -4.47
C GLY B 267 23.41 -3.40 -4.28
N VAL B 268 23.55 -2.66 -5.37
CA VAL B 268 23.44 -1.21 -5.34
C VAL B 268 22.60 -0.73 -6.51
N ALA B 269 21.68 0.20 -6.24
CA ALA B 269 20.85 0.80 -7.28
C ALA B 269 20.93 2.32 -7.20
N THR B 270 20.42 3.00 -8.24
CA THR B 270 20.47 4.45 -8.27
C THR B 270 19.26 5.05 -8.98
N GLY B 271 18.90 6.26 -8.58
CA GLY B 271 17.80 6.98 -9.20
C GLY B 271 18.27 8.28 -9.83
N SER B 272 17.40 9.28 -9.85
CA SER B 272 17.75 10.58 -10.42
C SER B 272 18.64 11.37 -9.48
N GLU B 273 18.24 11.48 -8.22
CA GLU B 273 18.99 12.22 -7.23
C GLU B 273 19.09 11.47 -5.90
N HIS B 274 19.04 10.15 -5.97
CA HIS B 274 19.11 9.33 -4.76
C HIS B 274 19.67 7.94 -5.05
N GLY B 275 20.27 7.34 -4.04
CA GLY B 275 20.85 6.00 -4.18
C GLY B 275 20.12 4.98 -3.33
N ILE B 276 20.13 3.74 -3.78
CA ILE B 276 19.43 2.66 -3.08
C ILE B 276 20.38 1.51 -2.76
N LEU B 277 20.66 1.32 -1.47
CA LEU B 277 21.56 0.26 -1.03
C LEU B 277 20.79 -0.92 -0.47
N THR B 278 21.22 -2.12 -0.83
CA THR B 278 20.64 -3.35 -0.28
C THR B 278 21.71 -4.29 0.26
N THR B 279 21.56 -4.69 1.52
CA THR B 279 22.53 -5.57 2.17
C THR B 279 21.91 -6.93 2.50
N ALA B 280 22.76 -7.88 2.89
CA ALA B 280 22.29 -9.22 3.21
C ALA B 280 22.65 -9.64 4.63
N ASN B 281 21.75 -10.35 5.28
CA ASN B 281 21.98 -10.85 6.63
C ASN B 281 22.36 -12.33 6.64
N CYS B 288 17.70 -13.17 5.12
CA CYS B 288 17.11 -11.86 5.33
C CYS B 288 17.89 -10.79 4.59
N TYR B 289 17.18 -9.92 3.88
CA TYR B 289 17.80 -8.85 3.11
C TYR B 289 17.22 -7.49 3.47
N ASN B 290 18.11 -6.53 3.75
CA ASN B 290 17.67 -5.17 4.07
C ASN B 290 17.91 -4.21 2.90
N VAL B 291 17.06 -3.19 2.80
CA VAL B 291 17.19 -2.20 1.73
C VAL B 291 17.26 -0.79 2.30
N TYR B 292 18.31 -0.06 1.96
CA TYR B 292 18.51 1.30 2.45
C TYR B 292 18.49 2.32 1.33
N CYS B 293 18.22 3.57 1.67
CA CYS B 293 18.18 4.65 0.68
C CYS B 293 18.83 5.92 1.21
N TRP B 294 19.51 6.66 0.33
CA TRP B 294 20.15 7.92 0.72
C TRP B 294 19.98 8.98 -0.37
N GLY B 295 20.10 10.24 0.03
CA GLY B 295 20.00 11.35 -0.90
C GLY B 295 18.69 12.11 -0.80
N TRP B 296 18.22 12.60 -1.93
CA TRP B 296 16.95 13.33 -2.00
C TRP B 296 15.79 12.44 -1.56
N GLY B 297 15.10 12.85 -0.50
CA GLY B 297 13.97 12.09 0.01
C GLY B 297 12.75 12.96 0.25
N GLU B 298 12.70 14.10 -0.41
CA GLU B 298 11.61 15.07 -0.25
C GLU B 298 10.24 14.50 -0.65
N HIS B 299 10.26 13.47 -1.50
CA HIS B 299 9.03 12.85 -1.97
C HIS B 299 8.82 11.47 -1.35
N GLY B 300 9.58 11.19 -0.29
CA GLY B 300 9.44 9.93 0.43
C GLY B 300 10.08 8.75 -0.26
N ASN B 301 10.87 9.04 -1.29
CA ASN B 301 11.52 7.99 -2.06
C ASN B 301 12.70 7.37 -1.32
N CYS B 302 13.03 7.93 -0.17
CA CYS B 302 14.09 7.39 0.69
C CYS B 302 13.52 6.79 1.96
N GLY B 303 12.25 7.10 2.23
CA GLY B 303 11.59 6.59 3.43
C GLY B 303 10.74 7.64 4.10
N PRO B 304 10.28 7.35 5.33
CA PRO B 304 9.44 8.26 6.11
C PRO B 304 10.11 9.61 6.35
N GLN B 305 11.42 9.60 6.54
CA GLN B 305 12.18 10.82 6.77
C GLN B 305 12.38 11.58 5.46
N LYS B 306 11.67 12.70 5.32
CA LYS B 306 11.71 13.49 4.08
C LYS B 306 12.57 14.74 4.25
N GLY B 307 13.44 14.73 5.25
CA GLY B 307 14.27 15.88 5.55
C GLY B 307 15.57 15.92 4.76
N SER B 308 15.78 14.91 3.91
CA SER B 308 17.00 14.78 3.12
C SER B 308 18.25 14.82 4.00
N GLN B 309 18.31 13.89 4.95
CA GLN B 309 19.40 13.83 5.92
C GLN B 309 20.50 12.86 5.47
N PRO B 310 21.77 13.26 5.64
CA PRO B 310 22.91 12.39 5.35
C PRO B 310 22.84 11.09 6.14
N GLY B 311 23.08 9.97 5.46
CA GLY B 311 23.03 8.66 6.09
C GLY B 311 22.06 7.73 5.39
N LEU B 312 21.96 6.50 5.91
CA LEU B 312 21.09 5.49 5.33
C LEU B 312 19.89 5.24 6.22
N GLN B 313 18.77 4.87 5.62
CA GLN B 313 17.57 4.51 6.36
C GLN B 313 16.86 3.31 5.73
N LEU B 314 16.50 2.34 6.57
CA LEU B 314 15.85 1.12 6.11
C LEU B 314 14.44 1.40 5.61
N VAL B 315 14.07 0.77 4.49
CA VAL B 315 12.75 0.94 3.92
C VAL B 315 11.96 -0.36 3.92
N GLY B 316 12.66 -1.49 4.07
CA GLY B 316 12.00 -2.78 4.09
C GLY B 316 12.95 -3.96 4.24
N GLN B 317 12.45 -5.01 4.86
CA GLN B 317 13.22 -6.25 5.02
C GLN B 317 12.55 -7.39 4.26
N TYR B 318 13.36 -8.20 3.58
CA TYR B 318 12.82 -9.27 2.76
C TYR B 318 13.61 -10.57 2.93
N SER B 319 12.93 -11.70 2.76
CA SER B 319 13.55 -13.01 2.91
C SER B 319 14.42 -13.34 1.70
N GLY B 320 13.94 -13.01 0.51
CA GLY B 320 14.67 -13.26 -0.71
C GLY B 320 15.37 -12.02 -1.22
N LYS B 321 16.37 -12.22 -2.09
CA LYS B 321 17.13 -11.10 -2.64
C LYS B 321 16.27 -10.29 -3.60
N PRO B 322 16.05 -9.00 -3.27
CA PRO B 322 15.19 -8.12 -4.07
C PRO B 322 15.91 -7.49 -5.25
N ARG B 323 15.18 -7.27 -6.34
CA ARG B 323 15.69 -6.53 -7.48
C ARG B 323 15.21 -5.08 -7.39
N VAL B 324 16.14 -4.14 -7.43
CA VAL B 324 15.80 -2.74 -7.19
C VAL B 324 16.00 -1.86 -8.43
N PHE B 325 15.01 -1.01 -8.71
CA PHE B 325 15.09 -0.07 -9.81
C PHE B 325 14.78 1.34 -9.33
N GLY B 326 15.65 2.30 -9.67
CA GLY B 326 15.47 3.67 -9.25
C GLY B 326 14.96 4.56 -10.37
N GLY B 327 14.32 5.66 -10.01
CA GLY B 327 13.78 6.59 -10.98
C GLY B 327 13.83 8.02 -10.49
N CYS B 328 13.05 8.89 -11.14
CA CYS B 328 12.98 10.29 -10.75
C CYS B 328 12.18 10.46 -9.47
N ALA B 329 12.90 10.50 -8.35
CA ALA B 329 12.29 10.57 -7.02
C ALA B 329 11.33 9.42 -6.76
N THR B 330 11.60 8.26 -7.37
CA THR B 330 10.80 7.07 -7.17
C THR B 330 11.69 5.87 -6.86
N THR B 331 11.12 4.86 -6.21
CA THR B 331 11.87 3.66 -5.84
C THR B 331 11.05 2.41 -6.14
N TRP B 332 11.69 1.39 -6.69
CA TRP B 332 11.02 0.15 -7.04
C TRP B 332 11.74 -1.06 -6.47
N ILE B 333 11.00 -1.86 -5.68
CA ILE B 333 11.55 -3.09 -5.11
C ILE B 333 10.79 -4.30 -5.63
N VAL B 334 11.50 -5.20 -6.29
CA VAL B 334 10.89 -6.37 -6.92
C VAL B 334 11.37 -7.66 -6.29
N LEU B 335 10.42 -8.56 -5.99
CA LEU B 335 10.76 -9.86 -5.42
C LEU B 335 10.45 -10.99 -6.40
#